data_7CSJ
#
_entry.id   7CSJ
#
_cell.length_a   54.486
_cell.length_b   60.212
_cell.length_c   116.955
_cell.angle_alpha   90.00
_cell.angle_beta   90.00
_cell.angle_gamma   90.00
#
_symmetry.space_group_name_H-M   'P 21 21 21'
#
loop_
_entity.id
_entity.type
_entity.pdbx_description
1 polymer "Aminoglycoside 2'-N-acetyltransferase"
2 non-polymer 'gentamicin C1'
3 non-polymer 'COENZYME A'
4 water water
#
_entity_poly.entity_id   1
_entity_poly.type   'polypeptide(L)'
_entity_poly.pdbx_seq_one_letter_code
;MLTQHVSEARTRGAIHTARLIHTSDLDQETRDGARRMVIEAFRDPSGDSDFTDDFTDDDWDHALGGMHALISHHGALIAH
GAVVQRRLMYRGPDGRGHALRCGYVEAVAVREDRRGDGLGTAVLDALEQVIRGAYQIGALSASDIARPMYIARGWLSWEG
PTSVLTPTEGIVRTPEDDRSLFVLPVDLPDGLELDTAREITCDWRSGDPW
;
_entity_poly.pdbx_strand_id   A,B
#
loop_
_chem_comp.id
_chem_comp.type
_chem_comp.name
_chem_comp.formula
51G non-polymer 'gentamicin C1' 'C21 H43 N5 O7'
COA non-polymer 'COENZYME A' 'C21 H36 N7 O16 P3 S'
#
# COMPACT_ATOMS: atom_id res chain seq x y z
N ILE A 15 4.85 -22.75 -21.25
CA ILE A 15 4.37 -22.33 -19.93
C ILE A 15 5.22 -21.21 -19.31
N HIS A 16 4.54 -20.17 -18.85
CA HIS A 16 5.19 -18.96 -18.35
C HIS A 16 4.90 -18.77 -16.87
N THR A 17 5.88 -18.22 -16.17
CA THR A 17 5.77 -18.00 -14.73
C THR A 17 6.51 -16.73 -14.40
N ALA A 18 5.79 -15.73 -13.89
CA ALA A 18 6.44 -14.51 -13.43
C ALA A 18 6.96 -14.72 -12.01
N ARG A 19 8.08 -14.05 -11.70
CA ARG A 19 8.57 -13.98 -10.34
C ARG A 19 8.01 -12.74 -9.64
N LEU A 20 7.62 -12.90 -8.38
CA LEU A 20 7.08 -11.84 -7.54
C LEU A 20 8.18 -11.26 -6.65
N ILE A 21 8.27 -9.95 -6.57
CA ILE A 21 9.35 -9.35 -5.81
C ILE A 21 8.92 -7.96 -5.35
N HIS A 22 9.23 -7.63 -4.09
CA HIS A 22 8.82 -6.36 -3.54
C HIS A 22 9.66 -5.22 -4.09
N THR A 23 9.03 -4.05 -4.23
CA THR A 23 9.75 -2.87 -4.68
C THR A 23 11.08 -2.71 -3.96
N SER A 24 11.09 -2.99 -2.65
CA SER A 24 12.30 -2.82 -1.84
C SER A 24 13.38 -3.81 -2.21
N ASP A 25 13.02 -4.91 -2.86
CA ASP A 25 14.00 -5.94 -3.27
C ASP A 25 14.44 -5.71 -4.72
N LEU A 26 13.90 -4.71 -5.37
CA LEU A 26 14.34 -4.43 -6.75
C LEU A 26 15.62 -3.60 -6.67
N ASP A 27 16.67 -4.01 -7.39
CA ASP A 27 17.89 -3.18 -7.46
C ASP A 27 17.67 -2.05 -8.48
N GLN A 28 18.49 -0.99 -8.40
CA GLN A 28 18.37 0.21 -9.25
C GLN A 28 18.26 -0.18 -10.72
N GLU A 29 19.09 -1.11 -11.14
CA GLU A 29 19.17 -1.55 -12.55
C GLU A 29 17.80 -2.07 -12.98
N THR A 30 17.31 -3.09 -12.30
CA THR A 30 16.01 -3.73 -12.59
C THR A 30 14.89 -2.69 -12.50
N ARG A 31 14.97 -1.80 -11.54
CA ARG A 31 13.94 -0.76 -11.34
C ARG A 31 13.93 0.19 -12.54
N ASP A 32 15.07 0.75 -12.92
CA ASP A 32 15.11 1.68 -14.08
C ASP A 32 14.70 0.91 -15.33
N GLY A 33 15.14 -0.34 -15.45
CA GLY A 33 14.79 -1.13 -16.61
C GLY A 33 13.30 -1.37 -16.72
N ALA A 34 12.69 -1.92 -15.63
CA ALA A 34 11.24 -2.06 -15.55
C ALA A 34 10.52 -0.77 -15.93
N ARG A 35 10.96 0.35 -15.35
CA ARG A 35 10.31 1.62 -15.64
C ARG A 35 10.41 1.97 -17.13
N ARG A 36 11.57 1.73 -17.74
CA ARG A 36 11.73 2.06 -19.16
C ARG A 36 10.96 1.08 -20.06
N MET A 37 10.94 -0.20 -19.70
CA MET A 37 10.13 -1.16 -20.46
C MET A 37 8.65 -0.79 -20.45
N VAL A 38 8.11 -0.38 -19.29
CA VAL A 38 6.68 -0.15 -19.22
C VAL A 38 6.31 1.09 -20.00
N ILE A 39 7.15 2.11 -19.92
CA ILE A 39 6.88 3.36 -20.66
C ILE A 39 6.87 3.04 -22.16
N GLU A 40 7.86 2.25 -22.61
CA GLU A 40 7.96 1.87 -24.04
C GLU A 40 6.70 1.11 -24.48
N ALA A 41 6.30 0.10 -23.72
CA ALA A 41 5.10 -0.72 -24.05
C ALA A 41 3.85 0.15 -24.16
N PHE A 42 3.75 1.20 -23.39
CA PHE A 42 2.55 2.03 -23.43
C PHE A 42 2.59 3.08 -24.53
N ARG A 43 3.76 3.47 -25.01
CA ARG A 43 3.85 4.52 -26.01
C ARG A 43 3.84 3.94 -27.43
N ASP A 44 3.31 4.74 -28.35
CA ASP A 44 3.18 4.37 -29.77
C ASP A 44 3.65 5.53 -30.63
N PRO A 45 4.93 5.55 -31.01
CA PRO A 45 5.50 6.63 -31.81
C PRO A 45 5.00 6.66 -33.25
N ASP A 53 -3.60 8.08 -21.77
CA ASP A 53 -2.91 8.47 -23.03
C ASP A 53 -1.43 8.10 -22.92
N ASP A 54 -0.69 8.84 -22.12
CA ASP A 54 0.75 8.59 -21.92
C ASP A 54 0.95 7.84 -20.61
N PHE A 55 2.08 7.18 -20.46
CA PHE A 55 2.48 6.58 -19.16
C PHE A 55 3.46 7.59 -18.59
N THR A 56 3.05 8.28 -17.55
CA THR A 56 3.85 9.36 -16.94
C THR A 56 4.57 8.86 -15.69
N ASP A 57 5.35 9.74 -15.09
CA ASP A 57 6.03 9.38 -13.86
C ASP A 57 5.08 9.27 -12.68
N ASP A 58 3.88 9.86 -12.77
CA ASP A 58 2.89 9.56 -11.74
C ASP A 58 2.42 8.11 -11.87
N ASP A 59 2.15 7.67 -13.10
CA ASP A 59 1.82 6.28 -13.37
C ASP A 59 2.88 5.31 -12.87
N TRP A 60 4.16 5.66 -13.05
CA TRP A 60 5.22 4.80 -12.49
C TRP A 60 5.22 4.87 -10.97
N ASP A 61 5.15 6.08 -10.41
CA ASP A 61 5.07 6.20 -8.97
C ASP A 61 3.93 5.37 -8.39
N HIS A 62 2.79 5.31 -9.10
CA HIS A 62 1.64 4.55 -8.62
C HIS A 62 1.89 3.06 -8.56
N ALA A 63 2.91 2.56 -9.27
CA ALA A 63 3.26 1.15 -9.33
C ALA A 63 4.32 0.77 -8.32
N LEU A 64 4.81 1.73 -7.55
CA LEU A 64 5.82 1.49 -6.56
C LEU A 64 5.18 1.26 -5.20
N GLY A 65 5.85 0.43 -4.38
CA GLY A 65 5.47 0.22 -3.01
C GLY A 65 4.96 -1.17 -2.70
N GLY A 66 4.55 -1.94 -3.69
CA GLY A 66 4.05 -3.27 -3.40
C GLY A 66 4.84 -4.34 -4.11
N MET A 67 4.15 -5.32 -4.71
CA MET A 67 4.77 -6.51 -5.30
C MET A 67 4.77 -6.41 -6.82
N HIS A 68 5.94 -6.64 -7.40
CA HIS A 68 6.10 -6.66 -8.85
C HIS A 68 6.13 -8.09 -9.36
N ALA A 69 5.54 -8.29 -10.51
CA ALA A 69 5.63 -9.55 -11.24
C ALA A 69 6.48 -9.26 -12.46
N LEU A 70 7.49 -10.08 -12.66
CA LEU A 70 8.51 -9.83 -13.66
C LEU A 70 8.73 -11.10 -14.46
N ILE A 71 8.91 -10.94 -15.77
CA ILE A 71 9.41 -11.98 -16.64
C ILE A 71 10.50 -11.37 -17.49
N SER A 72 11.64 -12.03 -17.56
CA SER A 72 12.75 -11.48 -18.32
C SER A 72 13.29 -12.53 -19.30
N HIS A 73 14.06 -12.05 -20.27
CA HIS A 73 14.66 -12.93 -21.27
C HIS A 73 16.04 -12.40 -21.62
N HIS A 74 17.07 -13.25 -21.45
CA HIS A 74 18.46 -12.82 -21.64
C HIS A 74 18.76 -11.57 -20.84
N GLY A 75 18.18 -11.47 -19.65
CA GLY A 75 18.44 -10.35 -18.77
C GLY A 75 17.60 -9.13 -19.00
N ALA A 76 16.64 -9.19 -19.91
CA ALA A 76 15.81 -8.05 -20.27
C ALA A 76 14.38 -8.32 -19.82
N LEU A 77 13.76 -7.31 -19.21
CA LEU A 77 12.37 -7.46 -18.81
C LEU A 77 11.50 -7.52 -20.05
N ILE A 78 10.63 -8.53 -20.12
CA ILE A 78 9.65 -8.60 -21.20
C ILE A 78 8.21 -8.52 -20.69
N ALA A 79 7.96 -8.64 -19.39
CA ALA A 79 6.61 -8.48 -18.87
C ALA A 79 6.69 -7.99 -17.43
N HIS A 80 5.80 -7.06 -17.08
CA HIS A 80 5.84 -6.42 -15.77
C HIS A 80 4.42 -6.18 -15.31
N GLY A 81 4.23 -6.20 -13.99
CA GLY A 81 2.96 -5.83 -13.37
C GLY A 81 3.20 -5.59 -11.91
N ALA A 82 2.35 -4.78 -11.28
CA ALA A 82 2.57 -4.44 -9.88
C ALA A 82 1.22 -4.34 -9.19
N VAL A 83 1.16 -4.75 -7.93
CA VAL A 83 -0.03 -4.60 -7.10
C VAL A 83 0.38 -3.83 -5.84
N VAL A 84 -0.30 -2.70 -5.59
CA VAL A 84 0.02 -1.81 -4.48
C VAL A 84 -1.22 -1.71 -3.61
N GLN A 85 -1.03 -1.35 -2.34
CA GLN A 85 -2.15 -1.19 -1.44
C GLN A 85 -2.73 0.22 -1.48
N ARG A 86 -4.06 0.31 -1.45
CA ARG A 86 -4.79 1.55 -1.23
C ARG A 86 -6.14 1.21 -0.59
N ARG A 87 -6.95 2.24 -0.37
CA ARG A 87 -8.30 2.07 0.19
C ARG A 87 -9.35 2.40 -0.86
N LEU A 88 -10.35 1.53 -1.00
CA LEU A 88 -11.53 1.85 -1.80
C LEU A 88 -12.69 2.10 -0.85
N MET A 89 -13.41 3.19 -1.05
CA MET A 89 -14.55 3.53 -0.23
C MET A 89 -15.83 3.10 -0.92
N TYR A 90 -16.70 2.45 -0.15
CA TYR A 90 -17.95 1.92 -0.68
C TYR A 90 -19.02 1.99 0.39
N ARG A 91 -20.22 2.46 0.02
CA ARG A 91 -21.34 2.59 0.95
C ARG A 91 -22.52 1.77 0.42
N GLY A 92 -22.98 0.80 1.21
CA GLY A 92 -24.12 -0.01 0.83
C GLY A 92 -25.44 0.74 1.03
N PRO A 93 -26.55 0.08 0.64
CA PRO A 93 -27.86 0.73 0.74
C PRO A 93 -28.31 1.01 2.16
N ASP A 94 -27.64 0.41 3.13
CA ASP A 94 -27.89 0.67 4.58
C ASP A 94 -27.21 1.98 4.96
N GLY A 95 -26.56 2.64 4.00
CA GLY A 95 -25.86 3.93 4.17
C GLY A 95 -24.66 3.89 5.08
N ARG A 96 -24.10 2.71 5.34
CA ARG A 96 -22.99 2.48 6.29
C ARG A 96 -21.67 3.16 5.93
N GLY A 97 -20.84 2.54 5.09
CA GLY A 97 -19.52 3.09 4.77
C GLY A 97 -18.41 2.09 5.09
N HIS A 98 -17.63 1.69 4.09
CA HIS A 98 -16.52 0.72 4.29
C HIS A 98 -15.26 1.22 3.57
N ALA A 99 -14.12 1.09 4.23
CA ALA A 99 -12.84 1.49 3.63
C ALA A 99 -12.04 0.20 3.42
N LEU A 100 -12.17 -0.38 2.22
CA LEU A 100 -11.69 -1.73 1.98
C LEU A 100 -10.21 -1.74 1.60
N ARG A 101 -9.48 -2.71 2.15
CA ARG A 101 -8.07 -2.85 1.83
C ARG A 101 -7.92 -3.40 0.43
N CYS A 102 -7.40 -2.56 -0.48
CA CYS A 102 -7.48 -2.82 -1.91
C CYS A 102 -6.10 -3.10 -2.48
N GLY A 103 -6.04 -4.16 -3.27
CA GLY A 103 -4.82 -4.46 -4.01
C GLY A 103 -4.99 -3.91 -5.40
N TYR A 104 -4.34 -2.78 -5.67
CA TYR A 104 -4.56 -2.01 -6.88
C TYR A 104 -3.49 -2.33 -7.92
N VAL A 105 -3.91 -2.76 -9.11
CA VAL A 105 -3.01 -3.27 -10.14
C VAL A 105 -2.58 -2.14 -11.07
N GLU A 106 -1.26 -1.95 -11.24
CA GLU A 106 -0.71 -0.85 -12.05
C GLU A 106 0.40 -1.35 -12.97
N ALA A 107 0.67 -0.58 -14.02
CA ALA A 107 1.85 -0.74 -14.88
C ALA A 107 2.01 -2.15 -15.44
N VAL A 108 0.89 -2.78 -15.77
CA VAL A 108 0.92 -4.07 -16.46
C VAL A 108 1.33 -3.86 -17.91
N ALA A 109 2.33 -4.60 -18.37
CA ALA A 109 2.81 -4.33 -19.71
C ALA A 109 3.64 -5.49 -20.21
N VAL A 110 3.52 -5.78 -21.49
CA VAL A 110 4.32 -6.78 -22.17
C VAL A 110 5.01 -6.09 -23.34
N ARG A 111 6.28 -6.42 -23.54
CA ARG A 111 7.03 -5.83 -24.65
C ARG A 111 6.39 -6.22 -25.97
N GLU A 112 6.22 -5.23 -26.84
CA GLU A 112 5.38 -5.36 -28.03
C GLU A 112 5.66 -6.66 -28.78
N ASP A 113 6.93 -6.88 -29.14
CA ASP A 113 7.29 -8.05 -29.93
C ASP A 113 7.04 -9.37 -29.22
N ARG A 114 6.72 -9.37 -27.93
CA ARG A 114 6.53 -10.61 -27.20
C ARG A 114 5.08 -10.84 -26.83
N ARG A 115 4.18 -9.98 -27.34
CA ARG A 115 2.75 -10.01 -27.04
C ARG A 115 2.03 -11.17 -27.74
N GLY A 116 0.90 -11.55 -27.18
CA GLY A 116 0.05 -12.58 -27.74
C GLY A 116 0.41 -14.01 -27.38
N ASP A 117 1.36 -14.21 -26.45
CA ASP A 117 1.81 -15.56 -26.08
C ASP A 117 1.57 -15.89 -24.62
N GLY A 118 0.72 -15.15 -23.92
CA GLY A 118 0.38 -15.47 -22.57
C GLY A 118 1.31 -14.92 -21.51
N LEU A 119 2.29 -14.10 -21.85
CA LEU A 119 3.05 -13.43 -20.80
C LEU A 119 2.15 -12.51 -19.98
N GLY A 120 1.20 -11.83 -20.63
CA GLY A 120 0.30 -10.97 -19.88
C GLY A 120 -0.53 -11.75 -18.88
N THR A 121 -1.09 -12.89 -19.32
CA THR A 121 -1.75 -13.83 -18.41
C THR A 121 -0.84 -14.21 -17.25
N ALA A 122 0.43 -14.48 -17.55
CA ALA A 122 1.34 -14.91 -16.49
C ALA A 122 1.54 -13.81 -15.45
N VAL A 123 1.60 -12.54 -15.89
CA VAL A 123 1.75 -11.44 -14.94
C VAL A 123 0.53 -11.37 -14.03
N LEU A 124 -0.67 -11.50 -14.61
CA LEU A 124 -1.88 -11.33 -13.82
C LEU A 124 -2.09 -12.51 -12.89
N ASP A 125 -1.68 -13.70 -13.31
CA ASP A 125 -1.75 -14.90 -12.45
C ASP A 125 -0.99 -14.59 -11.16
N ALA A 126 0.23 -14.08 -11.28
CA ALA A 126 1.06 -13.79 -10.11
C ALA A 126 0.45 -12.67 -9.26
N LEU A 127 0.04 -11.56 -9.88
CA LEU A 127 -0.55 -10.47 -9.10
C LEU A 127 -1.83 -10.91 -8.40
N GLU A 128 -2.65 -11.72 -9.07
CA GLU A 128 -3.85 -12.22 -8.43
C GLU A 128 -3.52 -13.06 -7.20
N GLN A 129 -2.39 -13.77 -7.24
CA GLN A 129 -1.96 -14.51 -6.06
C GLN A 129 -1.65 -13.56 -4.92
N VAL A 130 -1.11 -12.37 -5.22
CA VAL A 130 -0.88 -11.41 -4.15
C VAL A 130 -2.20 -10.87 -3.63
N ILE A 131 -3.12 -10.56 -4.55
CA ILE A 131 -4.41 -9.98 -4.20
C ILE A 131 -5.16 -10.92 -3.27
N ARG A 132 -5.28 -12.19 -3.64
CA ARG A 132 -6.09 -13.11 -2.85
C ARG A 132 -5.48 -13.37 -1.48
N GLY A 133 -4.16 -13.24 -1.35
CA GLY A 133 -3.49 -13.58 -0.11
C GLY A 133 -3.35 -12.42 0.86
N ALA A 134 -3.58 -11.18 0.40
CA ALA A 134 -3.32 -10.04 1.27
C ALA A 134 -4.37 -8.94 1.24
N TYR A 135 -5.37 -8.95 0.36
CA TYR A 135 -6.31 -7.83 0.26
C TYR A 135 -7.75 -8.31 0.32
N GLN A 136 -8.64 -7.35 0.58
CA GLN A 136 -10.07 -7.63 0.58
C GLN A 136 -10.65 -7.58 -0.82
N ILE A 137 -10.01 -6.84 -1.71
CA ILE A 137 -10.53 -6.63 -3.06
C ILE A 137 -9.37 -6.23 -3.94
N GLY A 138 -9.39 -6.68 -5.18
CA GLY A 138 -8.52 -6.18 -6.21
C GLY A 138 -9.29 -5.21 -7.08
N ALA A 139 -8.60 -4.19 -7.60
CA ALA A 139 -9.21 -3.24 -8.51
C ALA A 139 -8.16 -2.73 -9.48
N LEU A 140 -8.64 -2.23 -10.61
CA LEU A 140 -7.81 -1.55 -11.58
C LEU A 140 -8.70 -0.77 -12.53
N SER A 141 -8.06 0.13 -13.26
CA SER A 141 -8.66 0.88 -14.34
C SER A 141 -7.93 0.46 -15.62
N ALA A 142 -8.62 -0.31 -16.46
CA ALA A 142 -8.01 -1.05 -17.56
C ALA A 142 -7.91 -0.19 -18.82
N SER A 143 -6.81 -0.36 -19.55
CA SER A 143 -6.73 0.16 -20.90
C SER A 143 -7.64 -0.65 -21.81
N ASP A 144 -8.01 -0.04 -22.94
CA ASP A 144 -8.94 -0.67 -23.86
C ASP A 144 -8.40 -2.01 -24.37
N ILE A 145 -7.10 -2.09 -24.63
CA ILE A 145 -6.58 -3.34 -25.19
C ILE A 145 -6.54 -4.47 -24.15
N ALA A 146 -6.56 -4.17 -22.86
CA ALA A 146 -6.49 -5.23 -21.86
C ALA A 146 -7.83 -5.63 -21.26
N ARG A 147 -8.90 -4.88 -21.50
CA ARG A 147 -10.21 -5.28 -20.98
C ARG A 147 -10.52 -6.74 -21.23
N PRO A 148 -10.43 -7.27 -22.46
CA PRO A 148 -10.72 -8.69 -22.68
C PRO A 148 -9.97 -9.60 -21.74
N MET A 149 -8.74 -9.23 -21.38
CA MET A 149 -7.95 -10.06 -20.49
C MET A 149 -8.61 -10.12 -19.12
N TYR A 150 -9.10 -8.99 -18.63
CA TYR A 150 -9.67 -8.99 -17.28
C TYR A 150 -11.02 -9.69 -17.25
N ILE A 151 -11.83 -9.49 -18.29
CA ILE A 151 -13.11 -10.20 -18.36
C ILE A 151 -12.89 -11.71 -18.30
N ALA A 152 -12.01 -12.23 -19.17
CA ALA A 152 -11.80 -13.67 -19.21
C ALA A 152 -11.29 -14.22 -17.88
N ARG A 153 -10.61 -13.41 -17.07
CA ARG A 153 -10.16 -13.86 -15.77
C ARG A 153 -11.23 -13.69 -14.70
N GLY A 154 -12.42 -13.18 -15.05
CA GLY A 154 -13.50 -13.07 -14.11
C GLY A 154 -13.57 -11.80 -13.29
N TRP A 155 -12.81 -10.76 -13.64
CA TRP A 155 -13.00 -9.48 -12.95
C TRP A 155 -14.38 -8.90 -13.26
N LEU A 156 -14.92 -8.14 -12.31
CA LEU A 156 -16.24 -7.54 -12.43
C LEU A 156 -16.11 -6.10 -12.89
N SER A 157 -16.75 -5.78 -14.01
CA SER A 157 -16.77 -4.39 -14.47
C SER A 157 -17.62 -3.56 -13.51
N TRP A 158 -17.07 -2.45 -13.04
CA TRP A 158 -17.83 -1.56 -12.16
C TRP A 158 -18.73 -0.67 -13.00
N GLU A 159 -20.02 -0.66 -12.67
CA GLU A 159 -20.96 0.06 -13.51
C GLU A 159 -21.45 1.38 -12.91
N GLY A 160 -21.34 1.58 -11.61
CA GLY A 160 -21.76 2.84 -11.00
C GLY A 160 -20.74 3.95 -11.18
N PRO A 161 -21.10 5.15 -10.72
CA PRO A 161 -20.20 6.29 -10.89
C PRO A 161 -18.95 6.13 -10.04
N THR A 162 -17.83 6.55 -10.61
CA THR A 162 -16.59 6.49 -9.86
C THR A 162 -16.27 7.87 -9.34
N SER A 163 -15.56 7.91 -8.22
CA SER A 163 -15.22 9.17 -7.59
C SER A 163 -13.91 9.01 -6.84
N VAL A 164 -13.35 10.13 -6.40
CA VAL A 164 -12.11 10.14 -5.64
C VAL A 164 -12.35 11.00 -4.40
N LEU A 165 -11.70 10.64 -3.30
CA LEU A 165 -11.78 11.38 -2.06
C LEU A 165 -10.63 12.38 -2.03
N THR A 166 -10.94 13.69 -2.35
CA THR A 166 -9.94 14.75 -2.44
C THR A 166 -9.71 15.42 -1.09
N PRO A 167 -8.54 16.04 -0.90
CA PRO A 167 -8.30 16.70 0.40
C PRO A 167 -9.28 17.83 0.68
N THR A 168 -9.58 18.67 -0.32
CA THR A 168 -10.24 19.94 -0.06
C THR A 168 -11.67 20.00 -0.55
N GLU A 169 -11.94 19.64 -1.80
CA GLU A 169 -13.32 19.32 -2.12
C GLU A 169 -13.67 18.04 -1.39
N GLY A 170 -14.91 17.61 -1.48
CA GLY A 170 -15.15 16.35 -0.80
C GLY A 170 -14.83 15.16 -1.69
N ILE A 171 -15.79 14.27 -1.79
CA ILE A 171 -15.77 13.20 -2.78
C ILE A 171 -16.12 13.81 -4.13
N VAL A 172 -15.17 13.76 -5.07
CA VAL A 172 -15.37 14.34 -6.40
C VAL A 172 -15.55 13.23 -7.42
N ARG A 173 -16.51 13.40 -8.31
CA ARG A 173 -16.73 12.45 -9.38
C ARG A 173 -15.54 12.43 -10.35
N THR A 174 -15.31 11.27 -10.94
CA THR A 174 -14.20 11.06 -11.89
C THR A 174 -14.75 10.46 -13.18
N PRO A 175 -15.48 11.27 -13.96
CA PRO A 175 -16.13 10.74 -15.18
C PRO A 175 -15.19 10.11 -16.18
N GLU A 176 -13.95 10.58 -16.29
CA GLU A 176 -12.97 9.94 -17.17
C GLU A 176 -12.73 8.48 -16.85
N ASP A 177 -13.07 8.04 -15.64
CA ASP A 177 -12.79 6.68 -15.20
C ASP A 177 -14.05 5.82 -15.18
N ASP A 178 -15.19 6.38 -15.61
CA ASP A 178 -16.49 5.78 -15.31
C ASP A 178 -16.74 4.45 -16.00
N ARG A 179 -16.09 4.14 -17.10
CA ARG A 179 -16.39 2.81 -17.62
C ARG A 179 -15.12 2.01 -17.81
N SER A 180 -14.17 2.19 -16.90
CA SER A 180 -12.85 1.51 -17.02
C SER A 180 -12.50 0.68 -15.79
N LEU A 181 -13.25 0.80 -14.71
CA LEU A 181 -12.86 0.12 -13.47
C LEU A 181 -13.31 -1.33 -13.49
N PHE A 182 -12.45 -2.19 -12.97
CA PHE A 182 -12.70 -3.63 -12.80
C PHE A 182 -12.33 -4.01 -11.37
N VAL A 183 -13.14 -4.86 -10.74
CA VAL A 183 -12.86 -5.30 -9.35
C VAL A 183 -12.89 -6.82 -9.26
N LEU A 184 -12.28 -7.35 -8.22
CA LEU A 184 -12.17 -8.79 -7.98
C LEU A 184 -12.37 -8.98 -6.50
N PRO A 185 -13.59 -9.27 -6.05
CA PRO A 185 -13.84 -9.43 -4.61
C PRO A 185 -13.27 -10.77 -4.15
N VAL A 186 -12.28 -10.71 -3.27
CA VAL A 186 -11.67 -11.93 -2.79
C VAL A 186 -11.96 -12.20 -1.32
N ASP A 187 -12.08 -11.17 -0.52
CA ASP A 187 -12.21 -11.40 0.94
C ASP A 187 -12.94 -10.21 1.55
N LEU A 188 -14.15 -10.00 1.10
CA LEU A 188 -15.01 -8.91 1.61
C LEU A 188 -15.37 -9.22 3.05
N PRO A 189 -15.47 -8.22 3.93
CA PRO A 189 -15.86 -8.47 5.27
C PRO A 189 -17.24 -9.15 5.38
N ASP A 190 -17.32 -10.00 6.41
CA ASP A 190 -18.47 -10.82 6.88
C ASP A 190 -19.64 -10.90 5.88
N GLY A 191 -20.53 -9.90 5.91
CA GLY A 191 -21.74 -9.95 5.08
C GLY A 191 -21.85 -8.82 4.09
N LEU A 192 -20.72 -8.26 3.66
CA LEU A 192 -20.79 -7.13 2.69
C LEU A 192 -21.04 -7.69 1.28
N GLU A 193 -22.09 -7.21 0.64
CA GLU A 193 -22.40 -7.57 -0.76
C GLU A 193 -21.91 -6.39 -1.57
N LEU A 194 -21.18 -6.61 -2.63
CA LEU A 194 -20.66 -5.49 -3.43
C LEU A 194 -21.58 -5.27 -4.63
N ASP A 195 -22.32 -4.17 -4.64
CA ASP A 195 -23.22 -3.89 -5.76
C ASP A 195 -22.48 -3.03 -6.78
N THR A 196 -22.09 -3.63 -7.92
CA THR A 196 -21.35 -2.89 -8.94
C THR A 196 -22.14 -1.74 -9.52
N ALA A 197 -23.43 -1.66 -9.25
CA ALA A 197 -24.20 -0.52 -9.74
C ALA A 197 -24.03 0.72 -8.89
N ARG A 198 -23.55 0.61 -7.66
CA ARG A 198 -23.45 1.76 -6.76
C ARG A 198 -22.19 2.58 -7.01
N GLU A 199 -22.03 3.67 -6.26
CA GLU A 199 -20.83 4.49 -6.37
C GLU A 199 -19.65 3.78 -5.73
N ILE A 200 -18.44 4.12 -6.20
CA ILE A 200 -17.21 3.67 -5.55
C ILE A 200 -16.19 4.79 -5.67
N THR A 201 -15.34 4.89 -4.65
CA THR A 201 -14.48 6.04 -4.43
C THR A 201 -13.09 5.57 -4.05
N CYS A 202 -12.07 6.03 -4.76
CA CYS A 202 -10.72 5.69 -4.36
C CYS A 202 -10.16 6.76 -3.44
N ASP A 203 -9.09 6.41 -2.74
CA ASP A 203 -8.40 7.40 -1.93
C ASP A 203 -7.50 8.28 -2.81
N TRP A 204 -7.02 9.36 -2.20
CA TRP A 204 -6.35 10.42 -2.93
C TRP A 204 -4.93 10.04 -3.32
N ARG A 205 -4.54 10.38 -4.55
CA ARG A 205 -3.15 10.38 -4.94
C ARG A 205 -2.96 11.42 -6.03
N SER A 206 -1.71 11.74 -6.33
CA SER A 206 -1.41 12.64 -7.43
C SER A 206 -1.52 11.90 -8.77
N GLY A 207 -1.64 12.69 -9.84
CA GLY A 207 -1.87 12.14 -11.16
C GLY A 207 -3.30 11.61 -11.28
N ASP A 208 -3.46 10.59 -12.12
CA ASP A 208 -4.77 9.96 -12.25
C ASP A 208 -5.13 9.25 -10.95
N PRO A 209 -6.29 9.57 -10.35
CA PRO A 209 -6.68 8.86 -9.11
C PRO A 209 -6.99 7.40 -9.32
N TRP A 210 -7.56 7.04 -10.47
CA TRP A 210 -7.77 5.62 -10.84
C TRP A 210 -6.71 5.17 -11.84
N HIS B 16 19.49 -12.19 15.66
CA HIS B 16 19.11 -10.76 15.80
C HIS B 16 18.83 -10.16 14.42
N THR B 17 18.68 -11.00 13.40
CA THR B 17 18.31 -10.48 12.07
C THR B 17 16.89 -10.98 11.74
N ALA B 18 15.98 -10.05 11.48
CA ALA B 18 14.57 -10.45 11.22
C ALA B 18 14.37 -10.66 9.72
N ARG B 19 13.47 -11.58 9.36
CA ARG B 19 13.17 -11.87 7.97
C ARG B 19 11.89 -11.15 7.55
N LEU B 20 11.80 -10.87 6.26
CA LEU B 20 10.80 -9.97 5.69
C LEU B 20 9.89 -10.77 4.78
N ILE B 21 8.60 -10.78 5.06
CA ILE B 21 7.68 -11.56 4.24
C ILE B 21 6.41 -10.74 4.01
N HIS B 22 5.94 -10.75 2.78
CA HIS B 22 4.72 -10.04 2.45
C HIS B 22 3.53 -10.83 2.99
N THR B 23 2.50 -10.11 3.47
CA THR B 23 1.26 -10.72 3.93
C THR B 23 0.86 -11.89 3.05
N SER B 24 0.92 -11.69 1.72
CA SER B 24 0.38 -12.68 0.78
C SER B 24 1.09 -14.03 0.86
N ASP B 25 2.31 -14.07 1.39
CA ASP B 25 3.04 -15.32 1.52
C ASP B 25 3.02 -15.88 2.94
N LEU B 26 2.30 -15.25 3.85
CA LEU B 26 2.09 -15.81 5.18
C LEU B 26 1.08 -16.94 5.12
N ASP B 27 1.44 -18.10 5.64
CA ASP B 27 0.43 -19.14 5.81
C ASP B 27 -0.48 -18.79 6.99
N GLN B 28 -1.57 -19.54 7.10
CA GLN B 28 -2.59 -19.20 8.10
C GLN B 28 -2.06 -19.31 9.53
N GLU B 29 -1.29 -20.36 9.82
CA GLU B 29 -0.77 -20.52 11.18
C GLU B 29 0.10 -19.32 11.58
N THR B 30 0.97 -18.89 10.66
CA THR B 30 1.81 -17.72 10.90
C THR B 30 0.98 -16.47 11.14
N ARG B 31 -0.03 -16.25 10.29
CA ARG B 31 -0.92 -15.11 10.46
C ARG B 31 -1.57 -15.12 11.84
N ASP B 32 -2.27 -16.20 12.16
CA ASP B 32 -2.92 -16.32 13.47
C ASP B 32 -1.89 -16.23 14.59
N GLY B 33 -0.74 -16.89 14.44
CA GLY B 33 0.30 -16.77 15.43
C GLY B 33 0.73 -15.32 15.63
N ALA B 34 0.99 -14.63 14.53
CA ALA B 34 1.40 -13.24 14.63
C ALA B 34 0.32 -12.39 15.29
N ARG B 35 -0.93 -12.64 14.91
CA ARG B 35 -2.09 -11.91 15.48
C ARG B 35 -2.15 -12.16 17.00
N ARG B 36 -1.99 -13.43 17.41
CA ARG B 36 -2.01 -13.81 18.81
C ARG B 36 -0.83 -13.22 19.57
N MET B 37 0.38 -13.40 19.03
CA MET B 37 1.58 -12.89 19.71
C MET B 37 1.50 -11.39 19.90
N VAL B 38 1.03 -10.66 18.89
CA VAL B 38 0.96 -9.22 19.00
C VAL B 38 -0.12 -8.82 20.01
N ILE B 39 -1.27 -9.51 19.96
CA ILE B 39 -2.30 -9.27 20.98
C ILE B 39 -1.73 -9.48 22.37
N GLU B 40 -1.05 -10.60 22.57
CA GLU B 40 -0.49 -10.94 23.90
C GLU B 40 0.50 -9.86 24.32
N ALA B 41 1.24 -9.30 23.38
CA ALA B 41 2.24 -8.28 23.71
C ALA B 41 1.56 -7.02 24.20
N PHE B 42 0.42 -6.67 23.63
CA PHE B 42 -0.24 -5.38 23.95
C PHE B 42 -0.98 -5.39 25.28
N ARG B 43 -0.91 -6.49 26.04
CA ARG B 43 -1.56 -6.72 27.36
C ARG B 43 -1.71 -5.44 28.18
N ASP B 54 -5.10 -2.02 24.47
CA ASP B 54 -5.59 -3.33 23.95
C ASP B 54 -5.52 -3.31 22.41
N PHE B 55 -5.02 -4.40 21.80
CA PHE B 55 -4.88 -4.50 20.33
C PHE B 55 -6.21 -4.93 19.73
N THR B 56 -6.89 -4.02 19.04
CA THR B 56 -8.23 -4.32 18.50
C THR B 56 -8.12 -5.13 17.20
N ASP B 57 -9.24 -5.62 16.70
CA ASP B 57 -9.23 -6.39 15.43
C ASP B 57 -8.92 -5.41 14.29
N ASP B 58 -9.36 -4.16 14.39
CA ASP B 58 -9.01 -3.18 13.35
C ASP B 58 -7.50 -2.94 13.40
N ASP B 59 -6.93 -2.91 14.59
CA ASP B 59 -5.46 -2.72 14.77
C ASP B 59 -4.76 -3.81 13.98
N TRP B 60 -5.30 -5.01 13.99
CA TRP B 60 -4.68 -6.08 13.23
C TRP B 60 -4.88 -5.89 11.74
N ASP B 61 -6.10 -5.53 11.33
CA ASP B 61 -6.33 -5.27 9.91
C ASP B 61 -5.37 -4.21 9.39
N HIS B 62 -4.99 -3.25 10.22
CA HIS B 62 -4.05 -2.24 9.80
C HIS B 62 -2.67 -2.81 9.57
N ALA B 63 -2.35 -3.95 10.18
CA ALA B 63 -1.04 -4.54 9.95
C ALA B 63 -0.96 -5.37 8.69
N LEU B 64 -2.04 -5.49 7.93
CA LEU B 64 -2.11 -6.45 6.84
C LEU B 64 -1.93 -5.79 5.48
N GLY B 65 -1.23 -6.47 4.59
CA GLY B 65 -1.11 -6.01 3.21
C GLY B 65 0.25 -5.50 2.83
N GLY B 66 1.19 -5.43 3.77
CA GLY B 66 2.52 -4.91 3.49
C GLY B 66 3.57 -5.96 3.78
N MET B 67 4.75 -5.55 4.27
CA MET B 67 5.82 -6.49 4.59
C MET B 67 5.89 -6.74 6.10
N HIS B 68 5.90 -7.99 6.49
CA HIS B 68 6.04 -8.38 7.88
C HIS B 68 7.48 -8.72 8.19
N ALA B 69 8.00 -8.17 9.29
CA ALA B 69 9.31 -8.53 9.84
C ALA B 69 9.12 -9.59 10.92
N LEU B 70 9.72 -10.77 10.74
CA LEU B 70 9.49 -11.89 11.63
C LEU B 70 10.79 -12.36 12.27
N ILE B 71 10.77 -12.52 13.59
CA ILE B 71 11.82 -13.21 14.32
C ILE B 71 11.18 -14.36 15.08
N SER B 72 11.60 -15.57 14.79
CA SER B 72 11.06 -16.76 15.47
C SER B 72 12.20 -17.62 16.01
N HIS B 73 11.90 -18.56 16.90
CA HIS B 73 13.00 -19.42 17.42
C HIS B 73 12.86 -20.86 16.95
N HIS B 74 12.00 -21.65 17.60
CA HIS B 74 11.78 -23.07 17.23
C HIS B 74 10.29 -23.23 16.91
N GLY B 75 9.84 -22.54 15.85
CA GLY B 75 8.42 -22.52 15.49
C GLY B 75 7.64 -21.49 16.27
N ALA B 76 8.26 -20.78 17.20
CA ALA B 76 7.55 -19.80 18.03
C ALA B 76 7.94 -18.39 17.63
N LEU B 77 6.97 -17.60 17.25
CA LEU B 77 7.20 -16.20 16.91
C LEU B 77 7.46 -15.41 18.18
N ILE B 78 8.55 -14.68 18.20
CA ILE B 78 8.93 -13.92 19.38
C ILE B 78 9.05 -12.42 19.12
N ALA B 79 9.18 -12.00 17.87
CA ALA B 79 9.09 -10.57 17.53
C ALA B 79 8.43 -10.43 16.16
N HIS B 80 7.65 -9.38 16.01
CA HIS B 80 6.97 -9.08 14.77
C HIS B 80 6.99 -7.57 14.57
N GLY B 81 6.84 -7.18 13.32
CA GLY B 81 6.53 -5.81 12.93
C GLY B 81 6.01 -5.84 11.51
N ALA B 82 5.39 -4.73 11.10
CA ALA B 82 4.83 -4.64 9.76
C ALA B 82 5.00 -3.22 9.22
N VAL B 83 5.14 -3.14 7.90
CA VAL B 83 5.10 -1.84 7.24
C VAL B 83 4.10 -1.94 6.09
N VAL B 84 3.11 -1.06 6.10
CA VAL B 84 2.03 -1.06 5.12
C VAL B 84 2.05 0.25 4.35
N GLN B 85 1.55 0.20 3.12
CA GLN B 85 1.55 1.36 2.24
C GLN B 85 0.32 2.24 2.48
N ARG B 86 0.56 3.53 2.71
CA ARG B 86 -0.47 4.55 2.81
C ARG B 86 -0.02 5.80 2.07
N ARG B 87 -0.88 6.82 2.10
CA ARG B 87 -0.57 8.16 1.62
C ARG B 87 -0.69 9.13 2.77
N LEU B 88 0.31 10.01 2.94
CA LEU B 88 0.25 11.13 3.86
C LEU B 88 0.19 12.42 3.05
N MET B 89 -0.77 13.29 3.36
CA MET B 89 -0.92 14.54 2.63
C MET B 89 -0.19 15.68 3.33
N TYR B 90 0.56 16.43 2.55
CA TYR B 90 1.37 17.52 3.12
C TYR B 90 1.24 18.72 2.20
N ARG B 91 0.95 19.90 2.76
CA ARG B 91 0.79 21.11 1.91
C ARG B 91 1.99 22.04 2.07
N GLY B 92 2.62 22.39 0.96
CA GLY B 92 3.79 23.27 0.99
C GLY B 92 3.44 24.75 1.09
N PRO B 93 4.44 25.65 1.08
CA PRO B 93 4.20 27.05 1.21
C PRO B 93 4.07 27.53 -0.25
N ASP B 94 2.88 27.34 -0.79
CA ASP B 94 2.46 27.65 -2.18
C ASP B 94 1.05 27.12 -2.29
N GLY B 95 0.66 26.35 -1.26
CA GLY B 95 -0.63 25.69 -1.16
C GLY B 95 -0.65 24.43 -2.00
N ARG B 96 0.37 24.24 -2.84
CA ARG B 96 0.41 23.00 -3.65
C ARG B 96 0.49 21.81 -2.68
N GLY B 97 -0.36 20.80 -2.91
CA GLY B 97 -0.47 19.62 -2.06
C GLY B 97 0.32 18.44 -2.57
N HIS B 98 0.75 17.58 -1.67
CA HIS B 98 1.56 16.40 -2.03
C HIS B 98 1.00 15.17 -1.33
N ALA B 99 0.84 14.07 -2.06
CA ALA B 99 0.35 12.84 -1.47
C ALA B 99 1.52 11.87 -1.50
N LEU B 100 2.31 11.91 -0.44
CA LEU B 100 3.53 11.11 -0.38
C LEU B 100 3.17 9.64 -0.24
N ARG B 101 4.01 8.80 -0.88
CA ARG B 101 3.93 7.36 -0.74
C ARG B 101 4.57 6.95 0.57
N CYS B 102 3.79 6.40 1.47
CA CYS B 102 4.21 6.26 2.85
C CYS B 102 4.22 4.81 3.25
N GLY B 103 5.29 4.42 3.93
CA GLY B 103 5.38 3.13 4.56
C GLY B 103 5.11 3.30 6.04
N TYR B 104 3.98 2.79 6.52
CA TYR B 104 3.52 3.07 7.87
C TYR B 104 3.78 1.86 8.75
N VAL B 105 4.55 2.07 9.82
CA VAL B 105 4.99 1.00 10.71
C VAL B 105 3.87 0.61 11.65
N GLU B 106 3.61 -0.70 11.79
CA GLU B 106 2.47 -1.14 12.59
C GLU B 106 2.84 -2.37 13.40
N ALA B 107 2.19 -2.52 14.56
CA ALA B 107 2.16 -3.79 15.31
C ALA B 107 3.57 -4.33 15.55
N VAL B 108 4.45 -3.44 16.00
CA VAL B 108 5.79 -3.83 16.42
C VAL B 108 5.68 -4.33 17.86
N ALA B 109 6.03 -5.59 18.08
CA ALA B 109 5.84 -6.22 19.38
C ALA B 109 6.82 -7.36 19.53
N VAL B 110 7.25 -7.59 20.76
CA VAL B 110 8.20 -8.64 21.10
C VAL B 110 7.63 -9.43 22.27
N ARG B 111 7.82 -10.75 22.23
CA ARG B 111 7.35 -11.62 23.29
C ARG B 111 7.89 -11.14 24.65
N GLU B 112 6.98 -10.93 25.60
CA GLU B 112 7.28 -10.32 26.92
C GLU B 112 8.52 -10.90 27.58
N ASP B 113 8.73 -12.20 27.51
CA ASP B 113 9.88 -12.76 28.21
C ASP B 113 11.18 -12.56 27.46
N ARG B 114 11.16 -11.93 26.29
CA ARG B 114 12.39 -11.78 25.52
C ARG B 114 12.69 -10.34 25.18
N ARG B 115 12.04 -9.41 25.86
CA ARG B 115 12.31 -8.00 25.62
C ARG B 115 13.65 -7.60 26.23
N GLY B 116 14.08 -6.38 25.94
CA GLY B 116 15.36 -5.89 26.40
C GLY B 116 16.56 -6.44 25.66
N ASP B 117 16.37 -7.35 24.71
CA ASP B 117 17.51 -8.00 24.01
C ASP B 117 17.77 -7.44 22.61
N GLY B 118 17.00 -6.47 22.14
CA GLY B 118 17.25 -5.94 20.81
C GLY B 118 16.39 -6.50 19.69
N LEU B 119 15.40 -7.34 20.01
CA LEU B 119 14.51 -7.84 18.97
C LEU B 119 13.68 -6.71 18.37
N GLY B 120 13.11 -5.86 19.22
CA GLY B 120 12.38 -4.71 18.71
C GLY B 120 13.23 -3.88 17.78
N THR B 121 14.51 -3.72 18.11
CA THR B 121 15.42 -2.96 17.27
C THR B 121 15.73 -3.70 15.97
N ALA B 122 15.91 -5.02 16.03
CA ALA B 122 16.10 -5.75 14.78
C ALA B 122 14.86 -5.66 13.89
N VAL B 123 13.68 -5.69 14.50
CA VAL B 123 12.46 -5.54 13.72
C VAL B 123 12.42 -4.15 13.07
N LEU B 124 12.74 -3.11 13.82
CA LEU B 124 12.79 -1.78 13.22
C LEU B 124 13.83 -1.71 12.10
N ASP B 125 14.96 -2.42 12.25
CA ASP B 125 16.00 -2.43 11.21
C ASP B 125 15.46 -2.94 9.89
N ALA B 126 14.85 -4.13 9.92
CA ALA B 126 14.36 -4.72 8.68
C ALA B 126 13.25 -3.87 8.05
N LEU B 127 12.44 -3.20 8.86
CA LEU B 127 11.33 -2.43 8.33
C LEU B 127 11.80 -1.11 7.71
N GLU B 128 12.83 -0.48 8.30
CA GLU B 128 13.43 0.70 7.67
C GLU B 128 14.08 0.33 6.34
N GLN B 129 14.54 -0.91 6.20
CA GLN B 129 15.01 -1.38 4.91
C GLN B 129 13.90 -1.37 3.85
N VAL B 130 12.70 -1.84 4.19
CA VAL B 130 11.57 -1.73 3.24
C VAL B 130 11.30 -0.27 2.92
N ILE B 131 11.20 0.58 3.95
CA ILE B 131 10.94 2.01 3.78
C ILE B 131 11.96 2.64 2.84
N ARG B 132 13.25 2.42 3.11
CA ARG B 132 14.28 2.99 2.25
C ARG B 132 14.19 2.45 0.82
N GLY B 133 13.87 1.18 0.64
CA GLY B 133 13.81 0.66 -0.71
C GLY B 133 12.54 0.99 -1.50
N ALA B 134 11.47 1.42 -0.85
CA ALA B 134 10.17 1.40 -1.52
C ALA B 134 9.28 2.62 -1.34
N TYR B 135 9.55 3.53 -0.41
CA TYR B 135 8.62 4.60 -0.12
C TYR B 135 9.33 5.95 -0.17
N GLN B 136 8.51 7.00 -0.22
CA GLN B 136 9.02 8.36 -0.14
C GLN B 136 9.24 8.76 1.30
N ILE B 137 8.45 8.21 2.22
CA ILE B 137 8.53 8.59 3.63
C ILE B 137 8.04 7.42 4.46
N GLY B 138 8.72 7.19 5.59
CA GLY B 138 8.24 6.28 6.62
C GLY B 138 7.52 7.08 7.69
N ALA B 139 6.55 6.44 8.34
CA ALA B 139 5.82 7.08 9.41
C ALA B 139 5.40 6.03 10.43
N LEU B 140 5.37 6.45 11.70
CA LEU B 140 4.97 5.62 12.83
C LEU B 140 4.50 6.54 13.95
N SER B 141 3.62 6.01 14.80
CA SER B 141 3.13 6.71 15.99
C SER B 141 3.67 6.00 17.21
N ALA B 142 4.30 6.75 18.12
CA ALA B 142 4.89 6.09 19.28
C ALA B 142 4.80 6.98 20.50
N SER B 143 4.88 6.37 21.67
CA SER B 143 4.87 7.11 22.92
C SER B 143 6.15 7.94 23.06
N ASP B 144 6.10 8.97 23.89
CA ASP B 144 7.29 9.80 24.14
C ASP B 144 8.44 9.02 24.78
N ILE B 145 8.19 7.80 25.24
CA ILE B 145 9.24 7.02 25.86
C ILE B 145 10.19 6.46 24.80
N ALA B 146 9.67 6.09 23.63
CA ALA B 146 10.52 5.71 22.52
C ALA B 146 11.04 6.92 21.75
N ARG B 147 10.69 8.13 22.17
CA ARG B 147 11.08 9.31 21.42
C ARG B 147 12.59 9.44 21.25
N PRO B 148 13.44 9.22 22.27
CA PRO B 148 14.90 9.34 22.03
C PRO B 148 15.45 8.32 21.04
N MET B 149 15.02 7.06 21.12
CA MET B 149 15.52 6.05 20.17
C MET B 149 15.19 6.43 18.74
N TYR B 150 13.94 6.87 18.49
CA TYR B 150 13.54 7.20 17.13
C TYR B 150 14.30 8.41 16.61
N ILE B 151 14.43 9.47 17.44
CA ILE B 151 15.30 10.59 17.07
C ILE B 151 16.70 10.08 16.81
N ALA B 152 17.19 9.17 17.66
CA ALA B 152 18.50 8.55 17.46
C ALA B 152 18.60 7.86 16.12
N ARG B 153 17.58 7.06 15.74
CA ARG B 153 17.60 6.27 14.52
C ARG B 153 17.43 7.09 13.25
N GLY B 154 17.26 8.41 13.34
CA GLY B 154 17.13 9.25 12.18
C GLY B 154 15.74 9.80 11.95
N TRP B 155 14.75 9.41 12.75
CA TRP B 155 13.38 9.85 12.54
C TRP B 155 13.14 11.25 13.12
N LEU B 156 12.38 12.05 12.39
CA LEU B 156 12.00 13.39 12.83
C LEU B 156 10.68 13.38 13.56
N SER B 157 10.63 14.06 14.71
CA SER B 157 9.40 14.29 15.45
C SER B 157 8.52 15.29 14.71
N TRP B 158 7.21 15.05 14.68
CA TRP B 158 6.31 15.94 13.94
C TRP B 158 5.64 16.92 14.89
N GLU B 159 6.13 18.16 14.91
CA GLU B 159 5.63 19.16 15.86
C GLU B 159 4.31 19.80 15.41
N GLY B 160 3.99 19.77 14.13
CA GLY B 160 2.80 20.43 13.63
C GLY B 160 1.52 19.65 13.91
N PRO B 161 0.40 20.27 13.55
CA PRO B 161 -0.88 19.59 13.71
C PRO B 161 -1.04 18.43 12.73
N THR B 162 -1.87 17.48 13.12
CA THR B 162 -2.17 16.31 12.32
C THR B 162 -3.69 16.18 12.17
N SER B 163 -4.10 15.47 11.14
CA SER B 163 -5.51 15.26 10.86
C SER B 163 -5.63 14.04 9.94
N VAL B 164 -6.87 13.69 9.62
CA VAL B 164 -7.19 12.58 8.75
C VAL B 164 -8.21 13.06 7.72
N LEU B 165 -8.04 12.64 6.48
CA LEU B 165 -8.96 12.96 5.37
C LEU B 165 -10.13 11.97 5.41
N THR B 166 -11.22 12.38 6.05
CA THR B 166 -12.41 11.54 6.21
C THR B 166 -13.30 11.55 4.96
N PRO B 167 -14.07 10.46 4.73
CA PRO B 167 -14.96 10.36 3.60
C PRO B 167 -16.23 11.24 3.61
N THR B 168 -16.87 11.41 4.76
CA THR B 168 -18.16 12.14 4.84
C THR B 168 -17.95 13.58 5.33
N GLU B 169 -17.01 13.78 6.22
CA GLU B 169 -16.64 15.15 6.62
C GLU B 169 -15.43 15.58 5.79
N GLY B 170 -14.73 16.62 6.16
CA GLY B 170 -13.58 16.95 5.34
C GLY B 170 -12.31 16.39 5.93
N ILE B 171 -11.31 17.24 6.05
CA ILE B 171 -10.09 16.87 6.78
C ILE B 171 -10.44 17.19 8.22
N VAL B 172 -10.41 16.18 9.08
CA VAL B 172 -10.81 16.33 10.49
C VAL B 172 -9.59 16.18 11.39
N ARG B 173 -9.36 17.17 12.26
CA ARG B 173 -8.20 17.19 13.17
C ARG B 173 -8.20 15.93 14.05
N THR B 174 -7.05 15.29 14.12
CA THR B 174 -6.98 14.10 14.99
C THR B 174 -6.61 14.63 16.37
N PRO B 175 -7.34 14.27 17.42
CA PRO B 175 -7.08 14.81 18.74
C PRO B 175 -5.75 14.24 19.24
N GLU B 176 -5.07 15.03 20.04
CA GLU B 176 -3.77 14.57 20.56
C GLU B 176 -3.98 13.46 21.57
N ASP B 177 -3.07 12.50 21.59
CA ASP B 177 -3.03 11.45 22.62
C ASP B 177 -1.63 11.46 23.22
N ASP B 178 -1.16 10.35 23.78
CA ASP B 178 0.20 10.37 24.35
C ASP B 178 1.19 9.80 23.32
N ARG B 179 0.69 9.38 22.17
CA ARG B 179 1.64 8.88 21.14
C ARG B 179 2.03 10.07 20.28
N SER B 180 3.25 10.09 19.76
CA SER B 180 3.61 11.17 18.83
C SER B 180 3.98 10.58 17.47
N LEU B 181 3.83 11.38 16.43
CA LEU B 181 4.04 10.92 15.07
C LEU B 181 5.49 11.20 14.67
N PHE B 182 6.12 10.19 14.08
CA PHE B 182 7.48 10.27 13.57
C PHE B 182 7.49 9.97 12.08
N VAL B 183 8.29 10.74 11.32
CA VAL B 183 8.43 10.55 9.89
C VAL B 183 9.90 10.33 9.55
N LEU B 184 10.15 9.53 8.53
CA LEU B 184 11.50 9.19 8.08
C LEU B 184 11.63 9.61 6.62
N PRO B 185 12.18 10.80 6.33
CA PRO B 185 12.19 11.28 4.95
C PRO B 185 13.18 10.53 4.08
N VAL B 186 12.70 9.60 3.27
CA VAL B 186 13.59 8.71 2.54
C VAL B 186 13.90 9.22 1.13
N ASP B 187 12.89 9.73 0.44
CA ASP B 187 13.00 9.98 -0.98
C ASP B 187 11.90 10.93 -1.41
N LEU B 188 11.92 12.13 -0.86
CA LEU B 188 10.84 13.11 -1.09
C LEU B 188 10.78 13.51 -2.56
N PRO B 189 9.60 13.67 -3.17
CA PRO B 189 9.49 13.93 -4.58
C PRO B 189 9.62 15.41 -4.97
N ASP B 190 10.18 15.65 -6.15
CA ASP B 190 10.37 17.00 -6.75
C ASP B 190 11.12 17.92 -5.78
N GLY B 191 12.17 17.37 -5.18
CA GLY B 191 13.03 18.10 -4.24
C GLY B 191 12.25 18.82 -3.16
N LEU B 192 11.12 18.27 -2.73
CA LEU B 192 10.34 18.94 -1.65
C LEU B 192 11.09 18.77 -0.34
N GLU B 193 11.01 19.76 0.54
CA GLU B 193 11.65 19.62 1.86
C GLU B 193 10.53 19.76 2.88
N LEU B 194 10.52 18.92 3.90
CA LEU B 194 9.42 18.92 4.89
C LEU B 194 9.60 20.01 5.92
N ASP B 195 8.51 20.67 6.31
CA ASP B 195 8.52 21.57 7.48
C ASP B 195 7.63 20.88 8.50
N THR B 196 8.23 20.19 9.45
CA THR B 196 7.51 19.42 10.48
C THR B 196 6.59 20.27 11.33
N ALA B 197 6.62 21.59 11.17
CA ALA B 197 5.75 22.47 11.93
C ALA B 197 4.40 22.64 11.27
N ARG B 198 4.29 22.30 10.00
CA ARG B 198 3.04 22.49 9.28
C ARG B 198 2.13 21.28 9.48
N GLU B 199 1.04 21.28 8.74
CA GLU B 199 0.04 20.22 8.82
C GLU B 199 0.52 18.96 8.09
N ILE B 200 0.19 17.80 8.65
CA ILE B 200 0.28 16.52 7.96
C ILE B 200 -0.99 15.75 8.25
N THR B 201 -1.61 15.18 7.21
CA THR B 201 -2.88 14.49 7.40
C THR B 201 -2.81 13.12 6.73
N CYS B 202 -3.25 12.09 7.44
CA CYS B 202 -3.16 10.76 6.86
C CYS B 202 -4.47 10.41 6.13
N ASP B 203 -4.41 9.35 5.32
CA ASP B 203 -5.57 8.84 4.62
C ASP B 203 -6.51 8.07 5.57
N TRP B 204 -7.74 7.85 5.12
CA TRP B 204 -8.78 7.27 5.96
C TRP B 204 -8.62 5.77 6.14
N ARG B 205 -8.98 5.30 7.33
CA ARG B 205 -9.23 3.88 7.60
C ARG B 205 -10.09 3.81 8.86
N SER B 206 -10.88 2.74 8.97
CA SER B 206 -11.65 2.56 10.20
C SER B 206 -10.70 2.34 11.37
N GLY B 207 -11.24 2.42 12.59
CA GLY B 207 -10.37 2.35 13.75
C GLY B 207 -9.55 3.62 13.92
N ASP B 208 -8.36 3.46 14.52
CA ASP B 208 -7.44 4.60 14.73
C ASP B 208 -6.81 5.03 13.40
N PRO B 209 -7.02 6.27 12.95
CA PRO B 209 -6.39 6.71 11.69
C PRO B 209 -4.88 6.70 11.76
N TRP B 210 -4.31 6.94 12.94
CA TRP B 210 -2.87 6.86 13.10
C TRP B 210 -2.46 5.62 13.90
O6 51G C . -10.03 7.00 -19.84
C14 51G C . -9.92 5.86 -20.62
C15 51G C . -11.19 5.04 -20.49
N 51G C . -12.34 5.77 -20.99
C19 51G C . -13.55 5.44 -20.31
C16 51G C . -11.04 3.72 -21.27
C18 51G C . -12.23 2.81 -21.09
O5 51G C . -10.99 4.06 -22.64
C17 51G C . -9.74 3.02 -20.88
O4 51G C . -8.61 3.88 -20.98
C13 51G C . -8.72 5.03 -20.21
O3 51G C . -8.77 4.74 -18.85
C11 51G C . -7.61 5.13 -18.11
C10 51G C . -8.08 5.79 -16.84
N1 51G C . -8.92 6.98 -17.15
C9 51G C . -6.88 6.20 -15.99
C8 51G C . -6.07 4.96 -15.64
N2 51G C . -4.95 5.36 -14.75
C12 51G C . -6.72 3.92 -17.79
O2 51G C . -6.30 3.37 -19.02
C7 51G C . -5.54 4.30 -16.90
O1 51G C . -4.75 3.20 -16.48
C6 51G C . -3.85 2.57 -17.35
C5 51G C . -3.08 1.51 -16.59
N3 51G C . -3.99 0.59 -15.86
C4 51G C . -2.09 2.13 -15.61
C3 51G C . -1.24 3.17 -16.33
O 51G C . -2.98 3.49 -17.97
C2 51G C . -2.13 4.16 -17.06
C1 51G C . -1.27 5.12 -17.86
C 51G C . -0.38 4.38 -18.85
N4 51G C . -2.06 6.15 -18.56
C20 51G C . -2.45 5.65 -19.88
N1A COA D . -9.51 -10.71 -27.74
C2A COA D . -9.75 -11.64 -26.81
N3A COA D . -9.07 -11.88 -25.69
C4A COA D . -8.02 -11.05 -25.58
C5A COA D . -7.66 -10.05 -26.45
C6A COA D . -8.45 -9.89 -27.59
N6A COA D . -8.23 -8.97 -28.53
N7A COA D . -6.52 -9.41 -25.98
C8A COA D . -6.24 -10.02 -24.85
N9A COA D . -7.12 -11.02 -24.56
C1B COA D . -7.21 -11.89 -23.45
C2B COA D . -7.35 -13.31 -23.95
O2B COA D . -8.30 -13.97 -23.14
C3B COA D . -5.93 -13.80 -23.86
O3B COA D . -6.05 -15.19 -23.73
P3B COA D . -6.25 -15.70 -25.20
O7A COA D . -7.69 -15.49 -25.49
O8A COA D . -5.90 -17.17 -25.12
O9A COA D . -5.38 -14.94 -26.17
C4B COA D . -5.45 -13.13 -22.58
O4B COA D . -6.04 -11.82 -22.67
C5B COA D . -3.97 -12.99 -22.38
O5B COA D . -3.28 -12.56 -23.57
P1A COA D . -1.70 -12.46 -23.45
O1A COA D . -1.29 -13.04 -22.17
O2A COA D . -1.07 -13.00 -24.65
O3A COA D . -1.45 -10.91 -23.41
P2A COA D . -0.20 -10.09 -23.89
O4A COA D . 0.98 -10.82 -23.45
O5A COA D . -0.33 -9.86 -25.32
O6A COA D . -0.31 -8.78 -23.02
CBP COA D . -1.12 -6.53 -22.71
CCP COA D . -1.48 -7.96 -23.09
CDP COA D . -2.39 -5.73 -22.41
CEP COA D . -0.29 -6.58 -21.43
CAP COA D . -0.34 -5.84 -23.85
OAP COA D . -1.08 -5.72 -25.03
C9P COA D . 0.33 -4.53 -23.55
O9P COA D . 1.39 -4.51 -22.98
N8P COA D . -0.29 -3.44 -23.97
C7P COA D . 0.07 -2.09 -23.58
C6P COA D . -1.09 -1.40 -22.89
C5P COA D . -1.00 -1.84 -21.46
O5P COA D . 0.07 -1.98 -20.94
N4P COA D . -2.12 -2.06 -20.80
C3P COA D . -2.17 -2.46 -19.42
C2P COA D . -3.43 -3.20 -19.12
S1P COA D . -4.15 -2.51 -17.62
N1A COA E . 18.04 -0.66 30.06
C2A COA E . 17.82 0.30 29.15
N3A COA E . 16.95 0.33 28.14
C4A COA E . 16.24 -0.80 28.11
C5A COA E . 16.35 -1.88 28.96
C6A COA E . 17.31 -1.79 29.99
N6A COA E . 17.52 -2.75 30.89
N7A COA E . 15.44 -2.86 28.61
C8A COA E . 14.81 -2.36 27.58
N9A COA E . 15.25 -1.11 27.22
C1B COA E . 14.80 -0.26 26.11
C2B COA E . 15.57 -0.40 24.80
O2B COA E . 16.87 0.14 24.69
C3B COA E . 14.52 0.16 23.88
O3B COA E . 14.11 1.44 24.24
P3B COA E . 15.30 2.43 24.57
O7A COA E . 14.69 3.67 23.98
O8A COA E . 16.55 1.98 23.84
O9A COA E . 15.52 2.52 26.06
C4B COA E . 13.43 -0.77 24.33
O4B COA E . 13.48 -0.61 25.78
C5B COA E . 13.73 -2.21 24.03
O5B COA E . 14.76 -2.29 23.02
P1A COA E . 14.85 -3.65 22.22
O1A COA E . 15.47 -3.42 20.91
O2A COA E . 15.47 -4.68 23.09
O3A COA E . 13.31 -3.93 22.09
P2A COA E . 12.41 -4.99 22.84
O4A COA E . 12.81 -6.33 22.38
O5A COA E . 12.29 -4.67 24.28
O6A COA E . 10.99 -4.60 22.29
CBP COA E . 9.05 -3.22 22.32
CCP COA E . 10.55 -3.23 22.36
CDP COA E . 8.53 -1.80 22.50
CEP COA E . 8.57 -3.74 20.97
CAP COA E . 8.50 -4.11 23.42
OAP COA E . 8.63 -3.39 24.62
C9P COA E . 7.06 -4.50 23.22
O9P COA E . 6.77 -5.48 22.58
N8P COA E . 6.14 -3.74 23.79
C7P COA E . 4.73 -4.04 23.69
C6P COA E . 4.12 -3.59 22.38
C5P COA E . 4.33 -2.12 22.10
O5P COA E . 4.19 -1.28 22.98
N4P COA E . 4.70 -1.79 20.87
C3P COA E . 4.79 -0.43 20.40
C2P COA E . 6.08 -0.14 19.70
S1P COA E . 6.22 1.60 19.25
#